data_4PMM
#
_entry.id   4PMM
#
_cell.length_a   75.800
_cell.length_b   75.800
_cell.length_c   112.340
_cell.angle_alpha   90.000
_cell.angle_beta   90.000
_cell.angle_gamma   120.000
#
_symmetry.space_group_name_H-M   'P 64'
#
loop_
_entity.id
_entity.type
_entity.pdbx_description
1 polymer 'High affinity nerve growth factor receptor'
2 non-polymer N-(3-cyclopropyl-1-phenyl-1H-pyrazol-5-yl)-2-{4-[3-methoxy-4-(4-methyl-1H-imidazol-1-yl)phenyl]-1H-1,2,3-triazol-1-yl}acetamide
3 non-polymer GLYCEROL
4 non-polymer 'CHLORIDE ION'
5 non-polymer 'ACETATE ION'
6 water water
#
_entity_poly.entity_id   1
_entity_poly.type   'polypeptide(L)'
_entity_poly.pdbx_seq_one_letter_code
;CVHHIKRRDIVLKWELGEGAFGKVFLAECHNLLPEQDKMLVAVKALKEASESARQDFQREAELLTMLQHQHIVRFFGVCT
EGRPLLMVFEYMRHGDLNRFLRSHGPDAKLLAGGEDVAPGPLGLGQLLAVASQVAAGMVYLAGLHFVHRDLATRNCLVGQ
GLVVKIGDFGMSRDIYSTDYYRVGGRTMLPIRWMPPESILYRKFTTESDVWSFGVVLWEIFTYGKQPWYQLSNTEAIDCI
TQGRELERPRACPPEVYAIMRGCWQREPQQRHSIKDVHARLQALAQAHHHH
;
_entity_poly.pdbx_strand_id   A
#
loop_
_chem_comp.id
_chem_comp.type
_chem_comp.name
_chem_comp.formula
31V non-polymer N-(3-cyclopropyl-1-phenyl-1H-pyrazol-5-yl)-2-{4-[3-methoxy-4-(4-methyl-1H-imidazol-1-yl)phenyl]-1H-1,2,3-triazol-1-yl}acetamide 'C27 H26 N8 O2'
ACT non-polymer 'ACETATE ION' 'C2 H3 O2 -1'
CL non-polymer 'CHLORIDE ION' 'Cl -1'
GOL non-polymer GLYCEROL 'C3 H8 O3'
#
# COMPACT_ATOMS: atom_id res chain seq x y z
N CYS A 1 3.88 23.64 -8.71
CA CYS A 1 2.88 24.39 -7.96
C CYS A 1 2.71 23.81 -6.54
N VAL A 2 3.83 23.46 -5.91
CA VAL A 2 3.90 22.85 -4.59
C VAL A 2 3.51 23.84 -3.49
N HIS A 3 2.53 23.46 -2.65
CA HIS A 3 2.08 24.29 -1.52
C HIS A 3 3.14 24.29 -0.41
N HIS A 4 3.49 25.48 0.12
CA HIS A 4 4.49 25.61 1.19
C HIS A 4 3.81 25.89 2.52
N ILE A 5 4.37 25.31 3.59
CA ILE A 5 3.83 25.42 4.94
C ILE A 5 4.87 26.00 5.89
N LYS A 6 4.47 27.00 6.69
CA LYS A 6 5.36 27.64 7.66
C LYS A 6 5.68 26.63 8.76
N ARG A 7 6.95 26.56 9.17
CA ARG A 7 7.41 25.63 10.21
C ARG A 7 6.71 25.84 11.55
N ARG A 8 6.32 27.09 11.85
CA ARG A 8 5.61 27.48 13.07
C ARG A 8 4.23 26.81 13.19
N ASP A 9 3.62 26.50 12.02
CA ASP A 9 2.31 25.89 11.89
C ASP A 9 2.31 24.37 12.09
N ILE A 10 3.49 23.74 12.18
CA ILE A 10 3.66 22.29 12.38
C ILE A 10 4.17 22.00 13.80
N VAL A 11 3.38 21.25 14.59
CA VAL A 11 3.73 20.86 15.96
C VAL A 11 3.87 19.33 16.00
N LEU A 12 5.10 18.84 16.07
CA LEU A 12 5.37 17.39 16.12
C LEU A 12 4.91 16.79 17.44
N LYS A 13 4.22 15.63 17.39
CA LYS A 13 3.71 14.96 18.60
C LYS A 13 4.63 13.82 19.00
N TRP A 14 5.00 12.94 18.03
CA TRP A 14 5.89 11.79 18.22
C TRP A 14 6.26 11.13 16.89
N GLU A 15 7.33 10.34 16.93
CA GLU A 15 7.81 9.60 15.78
C GLU A 15 7.04 8.30 15.63
N LEU A 16 6.41 8.12 14.46
CA LEU A 16 5.65 6.92 14.12
C LEU A 16 6.64 5.84 13.64
N GLY A 17 7.47 6.19 12.66
CA GLY A 17 8.45 5.27 12.10
C GLY A 17 9.63 5.94 11.44
N GLU A 18 10.68 5.16 11.21
CA GLU A 18 11.91 5.61 10.59
C GLU A 18 12.38 4.63 9.53
N GLY A 19 13.02 5.16 8.51
CA GLY A 19 13.59 4.40 7.40
C GLY A 19 15.01 4.88 7.16
N ALA A 20 15.63 4.45 6.04
CA ALA A 20 16.99 4.84 5.71
C ALA A 20 17.06 6.28 5.19
N PHE A 21 16.02 6.72 4.47
CA PHE A 21 15.97 8.05 3.86
C PHE A 21 15.05 9.06 4.55
N GLY A 22 14.16 8.60 5.44
CA GLY A 22 13.24 9.51 6.12
C GLY A 22 12.68 9.06 7.45
N LYS A 23 12.01 10.01 8.17
CA LYS A 23 11.35 9.81 9.47
C LYS A 23 9.90 10.30 9.37
N VAL A 24 8.91 9.50 9.83
CA VAL A 24 7.49 9.89 9.79
C VAL A 24 6.98 10.14 11.21
N PHE A 25 6.43 11.34 11.46
CA PHE A 25 5.90 11.78 12.74
C PHE A 25 4.42 12.09 12.67
N LEU A 26 3.73 11.93 13.79
CA LEU A 26 2.35 12.35 13.95
C LEU A 26 2.53 13.82 14.33
N ALA A 27 1.69 14.70 13.83
CA ALA A 27 1.81 16.11 14.15
C ALA A 27 0.49 16.82 14.05
N GLU A 28 0.46 18.02 14.58
CA GLU A 28 -0.69 18.90 14.53
C GLU A 28 -0.29 19.98 13.53
N CYS A 29 -1.23 20.43 12.71
CA CYS A 29 -0.97 21.48 11.72
C CYS A 29 -2.01 22.58 11.88
N HIS A 30 -1.55 23.84 11.88
CA HIS A 30 -2.41 25.02 12.06
C HIS A 30 -2.61 25.79 10.77
N ASN A 31 -3.83 26.32 10.56
CA ASN A 31 -4.24 27.13 9.40
C ASN A 31 -3.97 26.43 8.05
N LEU A 32 -4.31 25.12 7.97
CA LEU A 32 -4.15 24.29 6.78
C LEU A 32 -5.45 24.22 6.00
N LEU A 33 -6.57 23.89 6.68
CA LEU A 33 -7.90 23.80 6.09
C LEU A 33 -8.91 24.59 6.92
N ASP A 37 -6.77 25.41 11.70
CA ASP A 37 -6.82 25.65 13.13
C ASP A 37 -6.00 24.62 13.93
N LYS A 38 -6.52 23.39 14.12
CA LYS A 38 -5.87 22.29 14.83
C LYS A 38 -6.29 20.98 14.15
N MET A 39 -5.44 20.49 13.23
CA MET A 39 -5.65 19.28 12.44
C MET A 39 -4.53 18.30 12.64
N LEU A 40 -4.84 17.00 12.76
CA LEU A 40 -3.77 15.99 12.86
C LEU A 40 -3.29 15.71 11.44
N VAL A 41 -1.99 15.51 11.28
CA VAL A 41 -1.32 15.22 10.00
C VAL A 41 -0.18 14.27 10.28
N ALA A 42 0.39 13.69 9.21
CA ALA A 42 1.56 12.85 9.33
C ALA A 42 2.66 13.59 8.57
N VAL A 43 3.81 13.76 9.20
CA VAL A 43 4.91 14.51 8.62
C VAL A 43 6.11 13.63 8.33
N LYS A 44 6.61 13.70 7.08
CA LYS A 44 7.78 12.95 6.66
C LYS A 44 8.98 13.92 6.62
N ALA A 45 10.01 13.64 7.40
CA ALA A 45 11.23 14.45 7.48
C ALA A 45 12.32 13.79 6.65
N LEU A 46 12.96 14.57 5.76
CA LEU A 46 14.05 14.08 4.90
C LEU A 46 15.35 14.04 5.73
N LYS A 47 15.95 12.83 5.87
CA LYS A 47 17.18 12.60 6.63
C LYS A 47 18.44 13.31 6.08
N GLU A 48 18.69 13.21 4.76
CA GLU A 48 19.88 13.80 4.13
C GLU A 48 19.68 15.24 3.67
N SER A 52 20.98 16.04 -4.52
CA SER A 52 20.66 14.66 -4.87
C SER A 52 19.38 14.20 -4.15
N ALA A 53 19.39 14.23 -2.79
CA ALA A 53 18.23 13.87 -1.96
C ALA A 53 17.20 14.99 -2.09
N ARG A 54 17.67 16.25 -2.17
CA ARG A 54 16.83 17.44 -2.33
C ARG A 54 16.13 17.45 -3.70
N GLN A 55 16.75 16.82 -4.74
CA GLN A 55 16.13 16.75 -6.08
C GLN A 55 15.03 15.68 -6.11
N ASP A 56 15.24 14.54 -5.38
CA ASP A 56 14.30 13.43 -5.26
C ASP A 56 13.08 13.89 -4.47
N PHE A 57 13.32 14.72 -3.42
CA PHE A 57 12.30 15.32 -2.54
C PHE A 57 11.43 16.26 -3.37
N GLN A 58 12.07 17.10 -4.21
CA GLN A 58 11.42 18.07 -5.09
C GLN A 58 10.57 17.36 -6.11
N ARG A 59 11.13 16.30 -6.76
CA ARG A 59 10.42 15.50 -7.76
C ARG A 59 9.17 14.85 -7.10
N GLU A 60 9.33 14.28 -5.89
CA GLU A 60 8.23 13.65 -5.15
C GLU A 60 7.12 14.65 -4.78
N ALA A 61 7.49 15.82 -4.24
CA ALA A 61 6.53 16.85 -3.86
C ALA A 61 5.69 17.31 -5.05
N GLU A 62 6.33 17.49 -6.23
CA GLU A 62 5.68 17.89 -7.49
C GLU A 62 4.72 16.80 -7.95
N LEU A 63 5.19 15.54 -7.92
CA LEU A 63 4.39 14.37 -8.30
C LEU A 63 3.15 14.23 -7.39
N LEU A 64 3.35 14.35 -6.07
CA LEU A 64 2.26 14.23 -5.09
C LEU A 64 1.28 15.40 -5.12
N THR A 65 1.70 16.55 -5.66
CA THR A 65 0.81 17.70 -5.82
C THR A 65 -0.08 17.40 -7.02
N MET A 66 0.50 16.77 -8.06
CA MET A 66 -0.19 16.43 -9.30
C MET A 66 -1.13 15.23 -9.16
N LEU A 67 -0.72 14.19 -8.38
CA LEU A 67 -1.55 13.01 -8.16
C LEU A 67 -2.66 13.38 -7.19
N GLN A 68 -3.90 13.42 -7.69
CA GLN A 68 -5.05 13.76 -6.88
C GLN A 68 -6.15 12.78 -7.15
N HIS A 69 -6.46 11.93 -6.14
CA HIS A 69 -7.49 10.92 -6.25
C HIS A 69 -7.93 10.49 -4.86
N GLN A 70 -9.21 10.14 -4.70
CA GLN A 70 -9.76 9.71 -3.41
C GLN A 70 -9.08 8.44 -2.85
N HIS A 71 -8.34 7.68 -3.68
CA HIS A 71 -7.69 6.47 -3.17
C HIS A 71 -6.18 6.51 -3.28
N ILE A 72 -5.63 7.73 -3.34
CA ILE A 72 -4.19 8.00 -3.32
C ILE A 72 -4.02 8.88 -2.08
N VAL A 73 -3.01 8.57 -1.24
CA VAL A 73 -2.71 9.31 -0.02
C VAL A 73 -2.68 10.85 -0.30
N ARG A 74 -3.39 11.62 0.52
CA ARG A 74 -3.47 13.07 0.36
C ARG A 74 -2.22 13.74 0.85
N PHE A 75 -1.70 14.65 0.03
CA PHE A 75 -0.51 15.44 0.22
C PHE A 75 -0.93 16.90 0.40
N PHE A 76 -0.49 17.54 1.49
CA PHE A 76 -0.85 18.92 1.86
C PHE A 76 0.19 19.95 1.44
N GLY A 77 1.44 19.53 1.34
CA GLY A 77 2.51 20.43 0.95
C GLY A 77 3.84 20.13 1.61
N VAL A 78 4.77 21.07 1.50
CA VAL A 78 6.13 20.94 2.04
C VAL A 78 6.51 22.06 3.00
N CYS A 79 7.62 21.88 3.72
CA CYS A 79 8.22 22.89 4.58
C CYS A 79 9.69 22.88 4.22
N THR A 80 10.10 23.91 3.48
CA THR A 80 11.46 24.11 2.99
C THR A 80 12.23 25.13 3.86
N GLU A 81 11.54 25.79 4.83
CA GLU A 81 12.20 26.75 5.72
C GLU A 81 12.92 26.03 6.87
N GLY A 82 14.24 25.96 6.73
CA GLY A 82 15.10 25.29 7.70
C GLY A 82 15.32 23.83 7.40
N ARG A 83 15.88 23.11 8.38
CA ARG A 83 16.17 21.69 8.26
C ARG A 83 15.61 20.89 9.46
N PRO A 84 15.15 19.63 9.28
CA PRO A 84 15.10 18.85 8.02
C PRO A 84 13.97 19.33 7.09
N LEU A 85 14.01 18.92 5.81
CA LEU A 85 12.96 19.28 4.85
C LEU A 85 11.75 18.42 5.22
N LEU A 86 10.54 18.98 5.13
CA LEU A 86 9.32 18.25 5.51
C LEU A 86 8.29 18.10 4.41
N MET A 87 7.56 16.98 4.45
CA MET A 87 6.42 16.67 3.57
C MET A 87 5.24 16.37 4.48
N VAL A 88 4.13 17.04 4.26
CA VAL A 88 2.93 16.91 5.09
C VAL A 88 1.87 16.09 4.38
N PHE A 89 1.41 15.02 5.04
CA PHE A 89 0.42 14.08 4.53
C PHE A 89 -0.76 13.96 5.47
N GLU A 90 -1.88 13.42 4.96
CA GLU A 90 -3.02 13.22 5.85
C GLU A 90 -2.74 12.13 6.87
N TYR A 91 -3.42 12.26 8.02
CA TYR A 91 -3.33 11.31 9.12
C TYR A 91 -4.45 10.29 8.89
N MET A 92 -4.11 8.99 8.93
CA MET A 92 -5.08 7.89 8.69
C MET A 92 -5.03 7.05 9.93
N ARG A 93 -6.04 7.23 10.79
CA ARG A 93 -6.17 6.67 12.15
C ARG A 93 -5.77 5.20 12.30
N HIS A 94 -6.19 4.35 11.35
CA HIS A 94 -5.92 2.92 11.45
C HIS A 94 -4.58 2.44 10.91
N GLY A 95 -3.66 3.36 10.61
CA GLY A 95 -2.32 3.01 10.12
C GLY A 95 -2.30 2.24 8.79
N ASP A 96 -1.21 1.52 8.53
CA ASP A 96 -1.07 0.78 7.28
C ASP A 96 -2.04 -0.42 7.19
N LEU A 97 -2.45 -0.75 5.96
CA LEU A 97 -3.41 -1.83 5.71
C LEU A 97 -2.91 -3.21 6.14
N ASN A 98 -1.61 -3.48 6.07
CA ASN A 98 -1.14 -4.80 6.50
C ASN A 98 -1.44 -5.02 7.98
N ARG A 99 -1.08 -4.03 8.81
CA ARG A 99 -1.28 -4.06 10.25
C ARG A 99 -2.75 -4.11 10.60
N PHE A 100 -3.56 -3.34 9.84
CA PHE A 100 -5.01 -3.30 10.00
C PHE A 100 -5.64 -4.68 9.74
N LEU A 101 -5.21 -5.35 8.64
CA LEU A 101 -5.73 -6.70 8.32
C LEU A 101 -5.36 -7.69 9.42
N ARG A 102 -4.11 -7.66 9.87
CA ARG A 102 -3.58 -8.55 10.91
C ARG A 102 -4.31 -8.34 12.25
N SER A 103 -4.79 -7.12 12.53
CA SER A 103 -5.51 -6.92 13.80
C SER A 103 -7.03 -7.06 13.68
N HIS A 104 -7.53 -7.29 12.45
CA HIS A 104 -8.97 -7.50 12.25
C HIS A 104 -9.19 -8.81 11.52
N GLY A 105 -8.41 -9.81 11.94
CA GLY A 105 -8.42 -11.16 11.40
C GLY A 105 -9.09 -12.17 12.32
N PRO A 106 -8.87 -13.48 12.11
CA PRO A 106 -9.53 -14.50 12.96
C PRO A 106 -9.25 -14.37 14.46
N ASP A 107 -8.06 -13.90 14.83
CA ASP A 107 -7.64 -13.69 16.21
C ASP A 107 -7.84 -12.23 16.68
N ALA A 108 -8.77 -11.47 16.05
CA ALA A 108 -9.03 -10.07 16.43
C ALA A 108 -9.47 -9.94 17.88
N LYS A 109 -10.29 -10.89 18.38
CA LYS A 109 -10.76 -10.83 19.78
C LYS A 109 -9.62 -10.96 20.78
N LEU A 110 -8.64 -11.84 20.51
CA LEU A 110 -7.46 -11.99 21.37
C LEU A 110 -6.66 -10.67 21.40
N LEU A 111 -6.43 -10.08 20.22
CA LEU A 111 -5.64 -8.87 20.00
C LEU A 111 -6.31 -7.58 20.48
N ALA A 112 -7.64 -7.52 20.43
CA ALA A 112 -8.41 -6.33 20.79
C ALA A 112 -8.25 -5.80 22.20
N GLY A 113 -8.29 -4.46 22.30
CA GLY A 113 -8.30 -3.75 23.56
C GLY A 113 -9.71 -3.93 24.12
N GLY A 114 -9.83 -3.91 25.44
CA GLY A 114 -11.09 -4.12 26.13
C GLY A 114 -12.26 -3.29 25.64
N GLU A 115 -11.99 -2.02 25.30
CA GLU A 115 -12.99 -1.07 24.82
C GLU A 115 -13.23 -1.08 23.28
N ASP A 116 -12.41 -1.82 22.48
CA ASP A 116 -12.52 -1.85 21.01
C ASP A 116 -13.94 -2.14 20.53
N VAL A 117 -14.37 -1.45 19.49
CA VAL A 117 -15.71 -1.65 18.94
C VAL A 117 -15.83 -2.96 18.14
N ALA A 118 -16.90 -3.75 18.41
CA ALA A 118 -17.28 -5.03 17.81
C ALA A 118 -16.07 -5.84 17.31
N PRO A 119 -15.13 -6.26 18.23
CA PRO A 119 -13.93 -6.97 17.75
C PRO A 119 -14.26 -8.27 17.05
N GLY A 120 -13.52 -8.55 16.00
CA GLY A 120 -13.75 -9.77 15.24
C GLY A 120 -13.19 -9.65 13.86
N PRO A 121 -13.15 -10.76 13.09
CA PRO A 121 -12.58 -10.69 11.72
C PRO A 121 -13.44 -9.83 10.80
N LEU A 122 -12.79 -9.13 9.86
CA LEU A 122 -13.53 -8.36 8.87
C LEU A 122 -14.37 -9.36 8.05
N GLY A 123 -15.59 -8.95 7.69
CA GLY A 123 -16.47 -9.80 6.87
C GLY A 123 -16.15 -9.66 5.39
N LEU A 124 -16.78 -10.51 4.55
CA LEU A 124 -16.61 -10.49 3.10
C LEU A 124 -16.89 -9.11 2.48
N GLY A 125 -17.99 -8.48 2.88
CA GLY A 125 -18.34 -7.15 2.39
C GLY A 125 -17.23 -6.13 2.60
N GLN A 126 -16.62 -6.14 3.81
CA GLN A 126 -15.53 -5.23 4.18
C GLN A 126 -14.28 -5.54 3.37
N LEU A 127 -13.94 -6.85 3.23
CA LEU A 127 -12.76 -7.27 2.46
C LEU A 127 -12.90 -6.83 1.00
N LEU A 128 -14.12 -6.97 0.42
CA LEU A 128 -14.37 -6.55 -0.98
C LEU A 128 -14.30 -5.03 -1.09
N ALA A 129 -14.77 -4.28 -0.06
CA ALA A 129 -14.68 -2.81 -0.14
C ALA A 129 -13.22 -2.34 -0.06
N VAL A 130 -12.38 -3.02 0.75
CA VAL A 130 -10.95 -2.68 0.83
C VAL A 130 -10.31 -2.93 -0.56
N ALA A 131 -10.57 -4.11 -1.12
CA ALA A 131 -10.03 -4.56 -2.43
C ALA A 131 -10.42 -3.64 -3.55
N SER A 132 -11.71 -3.26 -3.61
CA SER A 132 -12.21 -2.36 -4.64
C SER A 132 -11.55 -0.98 -4.53
N GLN A 133 -11.32 -0.49 -3.30
CA GLN A 133 -10.69 0.83 -3.13
C GLN A 133 -9.23 0.82 -3.61
N VAL A 134 -8.47 -0.22 -3.27
CA VAL A 134 -7.08 -0.31 -3.73
C VAL A 134 -7.10 -0.39 -5.29
N ALA A 135 -8.02 -1.20 -5.86
CA ALA A 135 -8.11 -1.34 -7.32
C ALA A 135 -8.43 0.02 -7.96
N ALA A 136 -9.31 0.86 -7.34
CA ALA A 136 -9.65 2.19 -7.87
C ALA A 136 -8.43 3.10 -7.96
N GLY A 137 -7.59 3.06 -6.94
CA GLY A 137 -6.36 3.86 -6.94
C GLY A 137 -5.42 3.40 -8.04
N MET A 138 -5.33 2.07 -8.27
CA MET A 138 -4.47 1.48 -9.32
C MET A 138 -5.02 1.79 -10.74
N VAL A 139 -6.33 1.91 -10.87
CA VAL A 139 -6.95 2.31 -12.15
C VAL A 139 -6.48 3.75 -12.48
N TYR A 140 -6.49 4.63 -11.48
CA TYR A 140 -6.08 6.02 -11.63
C TYR A 140 -4.62 6.13 -12.07
N LEU A 141 -3.73 5.39 -11.38
CA LEU A 141 -2.31 5.41 -11.73
C LEU A 141 -2.05 4.87 -13.16
N ALA A 142 -2.73 3.76 -13.53
CA ALA A 142 -2.59 3.15 -14.87
C ALA A 142 -3.05 4.13 -15.96
N GLY A 143 -4.09 4.92 -15.67
CA GLY A 143 -4.63 5.93 -16.58
C GLY A 143 -3.61 7.04 -16.84
N LEU A 144 -2.70 7.28 -15.89
CA LEU A 144 -1.63 8.28 -16.00
C LEU A 144 -0.30 7.69 -16.50
N HIS A 145 -0.29 6.38 -16.83
CA HIS A 145 0.89 5.63 -17.28
C HIS A 145 1.94 5.64 -16.15
N PHE A 146 1.44 5.67 -14.91
CA PHE A 146 2.30 5.68 -13.74
C PHE A 146 2.45 4.25 -13.20
N VAL A 147 3.69 3.81 -13.02
CA VAL A 147 4.02 2.47 -12.50
C VAL A 147 4.42 2.64 -11.05
N HIS A 148 3.71 1.96 -10.15
CA HIS A 148 3.97 2.06 -8.71
C HIS A 148 5.27 1.32 -8.34
N ARG A 149 5.38 0.02 -8.73
CA ARG A 149 6.55 -0.86 -8.51
C ARG A 149 6.61 -1.51 -7.13
N ASP A 150 5.82 -1.02 -6.16
CA ASP A 150 5.85 -1.62 -4.81
C ASP A 150 4.46 -1.68 -4.16
N LEU A 151 3.46 -2.06 -4.96
CA LEU A 151 2.11 -2.17 -4.44
C LEU A 151 2.05 -3.36 -3.49
N ALA A 152 1.57 -3.12 -2.24
CA ALA A 152 1.48 -4.15 -1.20
C ALA A 152 0.63 -3.51 -0.12
N THR A 153 -0.03 -4.30 0.74
CA THR A 153 -0.88 -3.70 1.78
C THR A 153 -0.08 -2.81 2.74
N ARG A 154 1.23 -3.08 2.94
CA ARG A 154 2.05 -2.23 3.83
C ARG A 154 2.14 -0.79 3.23
N ASN A 155 1.90 -0.63 1.91
CA ASN A 155 1.95 0.67 1.23
C ASN A 155 0.57 1.32 1.09
N CYS A 156 -0.44 0.81 1.83
CA CYS A 156 -1.77 1.41 1.84
C CYS A 156 -2.06 1.85 3.28
N LEU A 157 -2.90 2.87 3.42
CA LEU A 157 -3.31 3.38 4.73
C LEU A 157 -4.80 3.24 4.89
N VAL A 158 -5.27 3.10 6.15
CA VAL A 158 -6.70 2.95 6.42
C VAL A 158 -7.13 4.08 7.35
N GLY A 159 -8.13 4.83 6.93
CA GLY A 159 -8.70 5.93 7.71
C GLY A 159 -10.00 5.50 8.33
N GLN A 160 -10.56 6.32 9.23
CA GLN A 160 -11.84 5.99 9.86
C GLN A 160 -12.94 5.80 8.80
N GLY A 161 -13.80 4.80 9.02
CA GLY A 161 -14.87 4.49 8.07
C GLY A 161 -14.38 3.56 6.96
N LEU A 162 -13.28 2.77 7.20
CA LEU A 162 -12.70 1.84 6.21
C LEU A 162 -12.35 2.55 4.86
N VAL A 163 -11.73 3.75 4.93
CA VAL A 163 -11.32 4.52 3.75
C VAL A 163 -9.89 4.04 3.50
N VAL A 164 -9.59 3.50 2.30
CA VAL A 164 -8.28 2.95 1.98
C VAL A 164 -7.60 3.78 0.90
N LYS A 165 -6.32 4.11 1.13
CA LYS A 165 -5.58 4.93 0.14
C LYS A 165 -4.18 4.36 -0.08
N ILE A 166 -3.68 4.46 -1.31
CA ILE A 166 -2.35 3.97 -1.71
C ILE A 166 -1.29 5.05 -1.58
N GLY A 167 -0.14 4.65 -1.04
CA GLY A 167 1.06 5.47 -0.93
C GLY A 167 2.27 4.66 -1.39
N ASP A 168 3.48 5.08 -1.04
CA ASP A 168 4.74 4.38 -1.38
C ASP A 168 5.66 4.91 -0.30
N PHE A 169 5.77 4.16 0.80
CA PHE A 169 6.38 4.61 2.04
C PHE A 169 7.90 4.32 2.30
N GLY A 170 8.50 3.25 1.81
CA GLY A 170 9.95 3.07 2.04
C GLY A 170 10.48 3.00 3.47
N MET A 171 9.60 3.28 4.47
CA MET A 171 9.80 3.17 5.92
C MET A 171 9.23 1.78 6.12
N SER A 172 8.51 1.33 5.05
CA SER A 172 7.95 0.01 4.83
C SER A 172 9.21 -0.88 4.71
N ARG A 173 10.31 -0.35 4.10
CA ARG A 173 11.58 -1.05 3.97
C ARG A 173 12.32 -1.27 5.31
N ASP A 174 11.76 -0.74 6.46
CA ASP A 174 12.33 -0.86 7.81
C ASP A 174 11.58 -1.86 8.71
N ILE A 175 10.32 -1.58 9.08
CA ILE A 175 9.52 -2.49 9.91
C ILE A 175 9.05 -3.70 9.04
N TYR A 176 9.13 -3.52 7.70
CA TYR A 176 8.77 -4.57 6.74
C TYR A 176 9.99 -4.91 5.89
N SER A 177 11.20 -4.78 6.48
CA SER A 177 12.46 -5.07 5.80
C SER A 177 12.47 -6.52 5.29
N THR A 178 11.74 -7.41 5.99
CA THR A 178 11.61 -8.83 5.62
C THR A 178 10.82 -9.03 4.28
N ASP A 179 10.08 -7.99 3.82
CA ASP A 179 9.30 -8.05 2.57
C ASP A 179 10.15 -7.69 1.37
N TYR A 180 11.47 -7.43 1.60
CA TYR A 180 12.40 -7.06 0.54
C TYR A 180 13.61 -7.95 0.48
N TYR A 181 14.10 -8.18 -0.73
CA TYR A 181 15.27 -9.00 -0.97
C TYR A 181 16.35 -8.08 -1.52
N ARG A 182 17.55 -8.09 -0.91
CA ARG A 182 18.65 -7.25 -1.38
C ARG A 182 19.39 -7.97 -2.51
N VAL A 183 19.22 -7.49 -3.75
CA VAL A 183 19.87 -8.07 -4.94
C VAL A 183 21.32 -7.60 -5.03
N GLY A 184 21.56 -6.41 -4.52
CA GLY A 184 22.86 -5.76 -4.48
C GLY A 184 22.76 -4.35 -3.95
N GLY A 185 23.84 -3.91 -3.28
CA GLY A 185 24.00 -2.59 -2.68
C GLY A 185 22.83 -2.11 -1.86
N ARG A 186 22.08 -1.15 -2.42
CA ARG A 186 20.89 -0.55 -1.81
C ARG A 186 19.56 -0.94 -2.51
N THR A 187 19.61 -1.70 -3.64
CA THR A 187 18.41 -2.12 -4.39
C THR A 187 17.65 -3.25 -3.68
N MET A 188 16.55 -2.86 -3.06
CA MET A 188 15.65 -3.71 -2.30
C MET A 188 14.45 -4.05 -3.16
N LEU A 189 14.28 -5.33 -3.50
CA LEU A 189 13.16 -5.75 -4.34
C LEU A 189 12.09 -6.46 -3.57
N PRO A 190 10.82 -6.04 -3.70
CA PRO A 190 9.71 -6.76 -2.99
C PRO A 190 9.31 -8.03 -3.79
N ILE A 191 10.25 -8.98 -3.91
CA ILE A 191 10.14 -10.22 -4.71
C ILE A 191 8.83 -10.98 -4.56
N ARG A 192 8.28 -11.10 -3.33
CA ARG A 192 7.06 -11.88 -3.14
C ARG A 192 5.84 -11.28 -3.84
N TRP A 193 5.90 -10.00 -4.19
CA TRP A 193 4.81 -9.29 -4.88
C TRP A 193 5.08 -9.12 -6.38
N MET A 194 6.22 -9.61 -6.84
CA MET A 194 6.63 -9.39 -8.22
C MET A 194 6.42 -10.58 -9.16
N PRO A 195 6.13 -10.29 -10.45
CA PRO A 195 5.98 -11.39 -11.41
C PRO A 195 7.36 -11.87 -11.91
N PRO A 196 7.44 -12.97 -12.68
CA PRO A 196 8.77 -13.45 -13.15
C PRO A 196 9.62 -12.46 -13.94
N GLU A 197 9.01 -11.62 -14.81
CA GLU A 197 9.79 -10.67 -15.63
C GLU A 197 10.41 -9.55 -14.80
N SER A 198 9.78 -9.20 -13.67
CA SER A 198 10.34 -8.17 -12.77
C SER A 198 11.48 -8.77 -11.93
N ILE A 199 11.28 -10.00 -11.45
CA ILE A 199 12.32 -10.68 -10.66
C ILE A 199 13.54 -10.96 -11.57
N LEU A 200 13.30 -11.48 -12.77
CA LEU A 200 14.42 -11.83 -13.65
C LEU A 200 15.15 -10.68 -14.29
N TYR A 201 14.40 -9.69 -14.81
CA TYR A 201 14.99 -8.60 -15.59
C TYR A 201 14.67 -7.20 -15.10
N ARG A 202 14.02 -7.05 -13.94
CA ARG A 202 13.60 -5.73 -13.42
C ARG A 202 12.76 -4.97 -14.41
N LYS A 203 11.85 -5.72 -15.09
CA LYS A 203 10.93 -5.13 -16.05
C LYS A 203 9.67 -4.76 -15.25
N PHE A 204 9.47 -3.45 -14.99
CA PHE A 204 8.33 -2.95 -14.20
C PHE A 204 7.43 -2.17 -15.11
N THR A 205 6.16 -2.55 -15.14
CA THR A 205 5.18 -1.94 -16.03
C THR A 205 3.84 -1.94 -15.29
N THR A 206 2.80 -1.42 -15.94
CA THR A 206 1.43 -1.45 -15.39
C THR A 206 0.98 -2.93 -15.25
N GLU A 207 1.52 -3.85 -16.08
CA GLU A 207 1.22 -5.30 -16.02
C GLU A 207 1.90 -5.96 -14.83
N SER A 208 3.11 -5.50 -14.39
CA SER A 208 3.70 -6.06 -13.18
C SER A 208 2.93 -5.48 -11.96
N ASP A 209 2.35 -4.24 -12.09
CA ASP A 209 1.54 -3.71 -10.98
C ASP A 209 0.25 -4.50 -10.85
N VAL A 210 -0.37 -4.92 -11.98
CA VAL A 210 -1.61 -5.71 -11.87
C VAL A 210 -1.31 -7.08 -11.20
N TRP A 211 -0.13 -7.69 -11.47
CA TRP A 211 0.28 -8.94 -10.81
C TRP A 211 0.34 -8.68 -9.28
N SER A 212 1.00 -7.58 -8.87
CA SER A 212 1.12 -7.18 -7.44
C SER A 212 -0.25 -6.92 -6.83
N PHE A 213 -1.21 -6.39 -7.63
CA PHE A 213 -2.57 -6.17 -7.14
C PHE A 213 -3.19 -7.57 -6.81
N GLY A 214 -2.91 -8.57 -7.64
CA GLY A 214 -3.40 -9.94 -7.38
C GLY A 214 -2.83 -10.45 -6.07
N VAL A 215 -1.56 -10.13 -5.81
CA VAL A 215 -0.92 -10.55 -4.55
C VAL A 215 -1.57 -9.76 -3.37
N VAL A 216 -1.89 -8.45 -3.57
CA VAL A 216 -2.61 -7.62 -2.56
C VAL A 216 -3.96 -8.28 -2.22
N LEU A 217 -4.68 -8.78 -3.26
CA LEU A 217 -5.97 -9.46 -3.02
C LEU A 217 -5.76 -10.65 -2.12
N TRP A 218 -4.65 -11.39 -2.33
CA TRP A 218 -4.32 -12.56 -1.51
C TRP A 218 -4.00 -12.12 -0.07
N GLU A 219 -3.24 -11.02 0.09
CA GLU A 219 -2.92 -10.49 1.43
C GLU A 219 -4.23 -10.11 2.13
N ILE A 220 -5.16 -9.48 1.39
CA ILE A 220 -6.43 -9.05 1.97
C ILE A 220 -7.20 -10.24 2.49
N PHE A 221 -7.35 -11.28 1.63
CA PHE A 221 -8.18 -12.45 1.96
C PHE A 221 -7.52 -13.45 2.90
N THR A 222 -6.23 -13.25 3.27
CA THR A 222 -5.57 -14.11 4.27
C THR A 222 -5.42 -13.24 5.56
N TYR A 223 -6.00 -12.03 5.58
CA TYR A 223 -5.88 -11.10 6.72
C TYR A 223 -4.42 -10.67 6.99
N GLY A 224 -3.71 -10.37 5.92
CA GLY A 224 -2.36 -9.84 5.98
C GLY A 224 -1.18 -10.78 6.04
N LYS A 225 -1.38 -12.08 5.71
CA LYS A 225 -0.23 -13.00 5.72
C LYS A 225 0.78 -12.59 4.68
N GLN A 226 2.05 -12.90 4.93
CA GLN A 226 3.10 -12.62 3.97
C GLN A 226 2.98 -13.70 2.84
N PRO A 227 2.97 -13.28 1.56
CA PRO A 227 2.87 -14.28 0.46
C PRO A 227 4.08 -15.20 0.52
N TRP A 228 3.89 -16.51 0.34
CA TRP A 228 5.01 -17.48 0.36
C TRP A 228 5.69 -17.53 1.74
N TYR A 229 4.94 -17.20 2.82
CA TYR A 229 5.46 -17.17 4.19
C TYR A 229 6.24 -18.43 4.60
N GLN A 230 5.87 -19.60 4.04
CA GLN A 230 6.52 -20.89 4.34
C GLN A 230 7.95 -20.94 3.79
N LEU A 231 8.24 -20.05 2.82
CA LEU A 231 9.50 -20.02 2.10
C LEU A 231 10.47 -18.89 2.37
N SER A 232 11.76 -19.22 2.21
CA SER A 232 12.87 -18.28 2.30
C SER A 232 12.79 -17.42 1.03
N ASN A 233 13.54 -16.31 0.97
CA ASN A 233 13.57 -15.44 -0.21
C ASN A 233 13.97 -16.18 -1.50
N THR A 234 15.02 -17.01 -1.43
CA THR A 234 15.52 -17.75 -2.59
C THR A 234 14.54 -18.82 -3.04
N GLU A 235 13.84 -19.46 -2.09
CA GLU A 235 12.82 -20.47 -2.45
C GLU A 235 11.60 -19.79 -3.08
N ALA A 236 11.19 -18.58 -2.57
CA ALA A 236 10.04 -17.81 -3.12
C ALA A 236 10.38 -17.39 -4.54
N ILE A 237 11.63 -16.87 -4.76
CA ILE A 237 12.08 -16.48 -6.12
C ILE A 237 11.92 -17.69 -7.09
N ASP A 238 12.39 -18.87 -6.65
CA ASP A 238 12.32 -20.09 -7.47
CA ASP A 238 12.32 -20.11 -7.43
C ASP A 238 10.86 -20.48 -7.77
N CYS A 239 9.99 -20.47 -6.74
CA CYS A 239 8.57 -20.81 -6.93
C CYS A 239 7.87 -19.86 -7.91
N ILE A 240 8.08 -18.55 -7.75
CA ILE A 240 7.47 -17.56 -8.63
C ILE A 240 7.95 -17.74 -10.08
N THR A 241 9.28 -17.81 -10.31
CA THR A 241 9.81 -17.98 -11.68
C THR A 241 9.37 -19.32 -12.31
N GLN A 242 9.17 -20.37 -11.51
CA GLN A 242 8.68 -21.68 -11.96
C GLN A 242 7.18 -21.63 -12.32
N GLY A 243 6.49 -20.58 -11.87
CA GLY A 243 5.07 -20.39 -12.17
C GLY A 243 4.11 -20.91 -11.13
N ARG A 244 4.59 -21.16 -9.90
CA ARG A 244 3.71 -21.64 -8.82
C ARG A 244 2.70 -20.55 -8.43
N GLU A 245 1.47 -20.94 -8.14
CA GLU A 245 0.48 -19.94 -7.75
C GLU A 245 0.19 -20.05 -6.27
N LEU A 246 -0.10 -18.93 -5.62
CA LEU A 246 -0.45 -18.91 -4.21
C LEU A 246 -1.79 -19.66 -4.05
N GLU A 247 -1.94 -20.40 -2.96
CA GLU A 247 -3.12 -21.21 -2.65
C GLU A 247 -4.31 -20.29 -2.38
N ARG A 248 -5.51 -20.76 -2.69
CA ARG A 248 -6.71 -19.96 -2.41
C ARG A 248 -6.90 -19.80 -0.89
N PRO A 249 -7.01 -18.56 -0.38
CA PRO A 249 -7.22 -18.38 1.07
C PRO A 249 -8.55 -18.96 1.54
N ARG A 250 -8.62 -19.42 2.79
CA ARG A 250 -9.84 -19.97 3.39
C ARG A 250 -11.01 -18.98 3.29
N ALA A 251 -10.75 -17.67 3.51
CA ALA A 251 -11.82 -16.66 3.46
C ALA A 251 -12.11 -16.16 2.04
N CYS A 252 -11.37 -16.64 1.04
CA CYS A 252 -11.54 -16.17 -0.34
C CYS A 252 -12.63 -16.90 -1.14
N PRO A 253 -13.73 -16.24 -1.58
CA PRO A 253 -14.71 -16.97 -2.42
C PRO A 253 -14.05 -17.42 -3.73
N PRO A 254 -14.51 -18.50 -4.39
CA PRO A 254 -13.88 -18.91 -5.66
C PRO A 254 -13.82 -17.79 -6.72
N GLU A 255 -14.88 -16.95 -6.81
CA GLU A 255 -14.93 -15.83 -7.76
C GLU A 255 -13.82 -14.79 -7.51
N VAL A 256 -13.39 -14.62 -6.25
CA VAL A 256 -12.29 -13.67 -5.98
C VAL A 256 -10.95 -14.33 -6.37
N TYR A 257 -10.84 -15.64 -6.19
CA TYR A 257 -9.63 -16.34 -6.56
C TYR A 257 -9.47 -16.32 -8.08
N ALA A 258 -10.61 -16.38 -8.83
CA ALA A 258 -10.59 -16.30 -10.30
C ALA A 258 -10.02 -14.94 -10.72
N ILE A 259 -10.35 -13.88 -9.96
CA ILE A 259 -9.81 -12.54 -10.22
C ILE A 259 -8.29 -12.55 -9.98
N MET A 260 -7.82 -13.15 -8.85
CA MET A 260 -6.37 -13.23 -8.57
C MET A 260 -5.65 -13.91 -9.75
N ARG A 261 -6.22 -15.03 -10.22
CA ARG A 261 -5.69 -15.82 -11.34
C ARG A 261 -5.59 -15.01 -12.61
N GLY A 262 -6.55 -14.12 -12.84
CA GLY A 262 -6.53 -13.21 -14.01
C GLY A 262 -5.37 -12.23 -13.94
N CYS A 263 -4.98 -11.81 -12.72
CA CYS A 263 -3.85 -10.90 -12.51
C CYS A 263 -2.54 -11.67 -12.68
N TRP A 264 -2.59 -12.98 -12.50
CA TRP A 264 -1.38 -13.79 -12.49
C TRP A 264 -1.09 -14.56 -13.78
N GLN A 265 -1.63 -14.14 -14.91
CA GLN A 265 -1.31 -14.82 -16.18
C GLN A 265 0.19 -14.66 -16.38
N ARG A 266 0.87 -15.72 -16.87
CA ARG A 266 2.32 -15.66 -17.03
C ARG A 266 2.79 -14.55 -17.97
N GLU A 267 2.15 -14.40 -19.14
CA GLU A 267 2.54 -13.34 -20.08
C GLU A 267 1.93 -12.04 -19.60
N PRO A 268 2.76 -10.98 -19.42
CA PRO A 268 2.22 -9.67 -18.97
C PRO A 268 1.03 -9.17 -19.78
N GLN A 269 1.06 -9.32 -21.14
CA GLN A 269 -0.06 -8.85 -22.01
C GLN A 269 -1.35 -9.67 -21.88
N GLN A 270 -1.31 -10.85 -21.25
CA GLN A 270 -2.48 -11.72 -21.06
C GLN A 270 -3.16 -11.42 -19.71
N ARG A 271 -2.51 -10.63 -18.83
CA ARG A 271 -3.07 -10.31 -17.53
C ARG A 271 -4.30 -9.40 -17.73
N HIS A 272 -5.32 -9.56 -16.91
CA HIS A 272 -6.52 -8.71 -17.03
C HIS A 272 -6.18 -7.27 -16.71
N SER A 273 -6.86 -6.30 -17.34
CA SER A 273 -6.53 -4.91 -17.02
C SER A 273 -7.06 -4.57 -15.65
N ILE A 274 -6.44 -3.61 -14.98
CA ILE A 274 -6.87 -3.17 -13.64
C ILE A 274 -8.31 -2.60 -13.67
N LYS A 275 -8.70 -1.98 -14.80
CA LYS A 275 -10.06 -1.44 -14.93
C LYS A 275 -11.09 -2.57 -14.88
N ASP A 276 -10.84 -3.70 -15.56
CA ASP A 276 -11.77 -4.84 -15.53
C ASP A 276 -11.76 -5.51 -14.15
N VAL A 277 -10.57 -5.60 -13.50
CA VAL A 277 -10.43 -6.15 -12.14
C VAL A 277 -11.27 -5.28 -11.18
N HIS A 278 -11.11 -3.95 -11.24
CA HIS A 278 -11.87 -3.04 -10.39
C HIS A 278 -13.37 -3.19 -10.67
N ALA A 279 -13.76 -3.21 -11.97
CA ALA A 279 -15.19 -3.37 -12.32
C ALA A 279 -15.79 -4.64 -11.71
N ARG A 280 -15.08 -5.77 -11.77
CA ARG A 280 -15.53 -7.04 -11.21
C ARG A 280 -15.64 -6.98 -9.67
N LEU A 281 -14.63 -6.39 -9.00
CA LEU A 281 -14.64 -6.25 -7.52
C LEU A 281 -15.80 -5.35 -7.05
N GLN A 282 -16.02 -4.24 -7.76
CA GLN A 282 -17.11 -3.29 -7.48
C GLN A 282 -18.48 -4.00 -7.65
N ALA A 283 -18.62 -4.87 -8.68
CA ALA A 283 -19.87 -5.63 -8.91
C ALA A 283 -20.11 -6.64 -7.80
N LEU A 284 -19.05 -7.33 -7.33
CA LEU A 284 -19.18 -8.32 -6.25
C LEU A 284 -19.53 -7.58 -4.93
N ALA A 285 -18.91 -6.40 -4.70
CA ALA A 285 -19.17 -5.62 -3.48
C ALA A 285 -20.65 -5.17 -3.49
N GLN A 286 -21.14 -4.66 -4.64
CA GLN A 286 -22.55 -4.24 -4.81
C GLN A 286 -23.55 -5.37 -4.57
N ALA A 287 -23.30 -6.56 -5.16
CA ALA A 287 -24.16 -7.74 -5.02
C ALA A 287 -24.28 -8.24 -3.57
N HIS A 288 -23.21 -8.08 -2.79
CA HIS A 288 -23.13 -8.52 -1.41
C HIS A 288 -23.70 -7.51 -0.41
N HIS A 289 -23.76 -6.22 -0.76
CA HIS A 289 -24.19 -5.12 0.11
C HIS A 289 -25.33 -5.44 1.05
N HIS A 290 -26.45 -5.89 0.49
CA HIS A 290 -27.64 -6.17 1.25
C HIS A 290 -27.72 -7.60 1.78
N HIS A 291 -26.69 -8.44 1.49
CA HIS A 291 -26.63 -9.86 1.87
C HIS A 291 -25.36 -10.20 2.65
C2 31V B . 1.47 9.14 6.24
C3 31V B . 2.43 9.28 5.25
N4 31V B . 5.02 8.18 -3.87
C5 31V B . 3.42 7.16 5.84
N6 31V B . 0.52 7.88 8.08
C7 31V B . 4.24 9.10 2.75
C9 31V B . 4.76 8.70 -0.26
C10 31V B . 4.42 8.46 -2.67
C11 31V B . 2.94 7.74 -4.14
C12 31V B . 3.10 8.17 -2.82
C13 31V B . 1.62 7.37 -4.69
C15 31V B . 1.36 5.95 -5.11
C18 31V B . 8.73 8.06 -3.65
C20 31V B . 8.10 8.74 -5.87
C21 31V B . 6.76 8.64 -5.53
C22 31V B . -0.73 8.43 8.10
O 31V B . 3.75 8.08 0.07
N3 31V B . 5.15 8.83 -1.57
C14 31V B . 1.47 7.00 -6.14
N5 31V B . 4.10 7.74 -4.79
C16 31V B . 6.40 8.25 -4.23
C19 31V B . 9.08 8.45 -4.94
C17 31V B . 7.40 7.95 -3.30
C8 31V B . 5.76 9.26 0.74
N 31V B . 5.39 8.87 2.10
N1 31V B . 6.23 8.14 2.85
N2 31V B . 5.61 7.88 3.97
C6 31V B . 4.38 8.46 3.95
C4 31V B . 3.40 8.31 5.04
C 31V B . 2.47 7.01 6.83
O1 31V B . 2.37 5.90 7.63
C26 31V B . 3.18 4.76 7.31
C1 31V B . 1.50 8.01 7.05
C24 31V B . 0.67 7.24 9.30
C23 31V B . -0.48 7.45 9.98
C25 31V B . -0.87 6.99 11.36
N7 31V B . -1.37 8.20 9.21
C1 GOL C . -14.71 -19.41 -9.87
O1 GOL C . -14.40 -20.69 -9.34
C2 GOL C . -16.02 -18.87 -9.33
O2 GOL C . -16.48 -17.82 -10.17
C3 GOL C . -17.10 -19.91 -9.16
O3 GOL C . -18.35 -19.28 -8.88
CL CL D . -10.47 -20.12 -11.24
C ACT E . 13.91 -0.70 -13.38
O ACT E . 14.23 -0.78 -12.18
OXT ACT E . 12.80 -0.23 -13.83
CH3 ACT E . 14.92 -1.23 -14.40
C ACT F . 2.21 -14.56 8.34
O ACT F . 2.82 -13.80 7.52
OXT ACT F . 1.66 -14.20 9.42
CH3 ACT F . 2.06 -16.05 8.02
C ACT G . -2.94 -19.48 3.18
O ACT G . -1.77 -19.88 3.25
OXT ACT G . -3.59 -19.05 4.16
CH3 ACT G . -3.60 -19.49 1.79
#